data_8VHM
#
_entry.id   8VHM
#
_cell.length_a   90.904
_cell.length_b   90.904
_cell.length_c   123.135
_cell.angle_alpha   90.00
_cell.angle_beta   90.00
_cell.angle_gamma   120.00
#
_symmetry.space_group_name_H-M   'P 32 2 1'
#
loop_
_entity.id
_entity.type
_entity.pdbx_description
1 polymer 'Dihydroorotate dehydrogenase (quinone), mitochondrial'
2 non-polymer 'FLAVIN MONONUCLEOTIDE'
3 non-polymer 'OROTIC ACID'
4 non-polymer N-{4-[(R)-cyclohexyl(hydroxy)methyl]phenyl}acetamide
5 non-polymer 'SULFATE ION'
6 non-polymer 'ACETATE ION'
7 non-polymer 'CHLORIDE ION'
8 water water
#
_entity_poly.entity_id   1
_entity_poly.type   'polypeptide(L)'
_entity_poly.pdbx_seq_one_letter_code
;GAMATGDERFYAEHLMPTLQGLLDPESAHRLAVRFTSLGLLPRARFQDSDMLEVRVLGHKFRNPVGIAAGFDKHGEAVDG
LYKMGFGFVEIGSVTPKPQEGNPRPRVFRLPEDQAVINRYGFNSHGLSVVEHRLRARQQKQAKLTEDGLPLGVNLGKNKT
SVDAAEDYAEGVRVLGPLADYLVVNVSSPNTAGLRSLQGKAELRRLLTKVLQERDGLRRVHRPAVLVKIAPDLTSQDKED
IASVVKELGIDGLIVTNTTVSRPAGLQGALRSETGGLSGKPLRDLSTQTIREMYALTQGRVPIIGVGGVSSGQDALEKIR
AGASLVQLYTALTFWGPPVVGKVKRELEALLKEQGFGGVTDAIGADHRR
;
_entity_poly.pdbx_strand_id   A
#
loop_
_chem_comp.id
_chem_comp.type
_chem_comp.name
_chem_comp.formula
A1AA1 non-polymer N-{4-[(R)-cyclohexyl(hydroxy)methyl]phenyl}acetamide 'C15 H21 N O2'
ACT non-polymer 'ACETATE ION' 'C2 H3 O2 -1'
CL non-polymer 'CHLORIDE ION' 'Cl -1'
FMN non-polymer 'FLAVIN MONONUCLEOTIDE' 'C17 H21 N4 O9 P'
ORO non-polymer 'OROTIC ACID' 'C5 H4 N2 O4'
SO4 non-polymer 'SULFATE ION' 'O4 S -2'
#
# COMPACT_ATOMS: atom_id res chain seq x y z
N GLY A 6 -9.29 -1.77 25.50
CA GLY A 6 -8.19 -2.16 26.44
C GLY A 6 -6.80 -1.90 25.90
N ASP A 7 -6.35 -2.78 25.01
CA ASP A 7 -5.05 -2.63 24.31
C ASP A 7 -5.03 -1.41 23.36
N GLU A 8 -6.15 -1.19 22.67
CA GLU A 8 -6.35 0.00 21.79
C GLU A 8 -6.23 1.34 22.55
N ARG A 9 -6.84 1.42 23.72
CA ARG A 9 -6.78 2.62 24.60
C ARG A 9 -5.39 2.91 25.16
N PHE A 10 -4.69 1.87 25.62
CA PHE A 10 -3.30 1.96 26.11
C PHE A 10 -2.33 2.55 25.08
N TYR A 11 -2.42 2.07 23.84
CA TYR A 11 -1.61 2.60 22.72
C TYR A 11 -2.02 4.04 22.38
N ALA A 12 -3.30 4.22 22.04
CA ALA A 12 -3.85 5.53 21.62
C ALA A 12 -3.65 6.69 22.60
N GLU A 13 -3.89 6.43 23.89
CA GLU A 13 -3.94 7.48 24.95
C GLU A 13 -2.67 7.65 25.80
N HIS A 14 -1.89 6.58 25.99
CA HIS A 14 -0.70 6.59 26.88
C HIS A 14 0.63 6.38 26.13
N LEU A 15 0.81 5.21 25.51
CA LEU A 15 2.11 4.82 24.91
C LEU A 15 2.53 5.65 23.69
N MET A 16 1.59 5.88 22.76
CA MET A 16 1.88 6.61 21.51
C MET A 16 2.16 8.12 21.70
N PRO A 17 1.34 8.84 22.51
CA PRO A 17 1.70 10.24 22.86
C PRO A 17 3.07 10.43 23.55
N THR A 18 3.48 9.44 24.34
CA THR A 18 4.81 9.42 24.98
C THR A 18 5.92 9.21 23.93
N LEU A 19 5.73 8.25 23.03
CA LEU A 19 6.62 8.01 21.87
C LEU A 19 6.77 9.24 20.96
N GLN A 20 5.64 9.86 20.63
CA GLN A 20 5.58 11.15 19.88
C GLN A 20 6.31 12.30 20.61
N GLY A 21 6.14 12.37 21.93
CA GLY A 21 6.85 13.33 22.78
C GLY A 21 8.36 13.16 22.90
N LEU A 22 8.85 11.93 22.70
CA LEU A 22 10.29 11.60 22.82
C LEU A 22 11.01 11.70 21.49
N LEU A 23 10.44 11.09 20.45
CA LEU A 23 11.12 10.85 19.17
C LEU A 23 10.47 11.57 17.99
N ASP A 24 11.31 12.06 17.08
CA ASP A 24 10.82 12.59 15.80
C ASP A 24 10.18 11.45 14.94
N PRO A 25 9.28 11.78 13.99
CA PRO A 25 8.55 10.71 13.27
C PRO A 25 9.42 9.70 12.48
N GLU A 26 10.56 10.12 11.93
CA GLU A 26 11.48 9.19 11.26
C GLU A 26 12.18 8.24 12.26
N SER A 27 12.64 8.78 13.38
CA SER A 27 13.18 7.97 14.47
C SER A 27 12.16 6.95 15.02
N ALA A 28 10.91 7.37 15.19
CA ALA A 28 9.82 6.49 15.61
C ALA A 28 9.51 5.37 14.58
N HIS A 29 9.58 5.70 13.30
CA HIS A 29 9.46 4.75 12.20
C HIS A 29 10.55 3.68 12.24
N ARG A 30 11.82 4.12 12.33
CA ARG A 30 12.98 3.24 12.44
C ARG A 30 12.89 2.28 13.65
N LEU A 31 12.46 2.81 14.79
CA LEU A 31 12.23 1.98 15.99
C LEU A 31 11.09 0.96 15.78
N ALA A 32 10.00 1.41 15.17
CA ALA A 32 8.87 0.56 14.80
C ALA A 32 9.23 -0.61 13.87
N VAL A 33 10.05 -0.34 12.85
CA VAL A 33 10.55 -1.37 11.92
C VAL A 33 11.41 -2.38 12.71
N ARG A 34 12.33 -1.85 13.51
CA ARG A 34 13.23 -2.65 14.34
C ARG A 34 12.46 -3.55 15.32
N PHE A 35 11.49 -2.98 16.04
CA PHE A 35 10.68 -3.76 17.01
C PHE A 35 9.80 -4.81 16.34
N THR A 36 9.20 -4.45 15.20
CA THR A 36 8.38 -5.37 14.40
C THR A 36 9.22 -6.52 13.84
N SER A 37 10.40 -6.23 13.28
CA SER A 37 11.28 -7.27 12.69
C SER A 37 11.76 -8.33 13.67
N LEU A 38 12.06 -7.91 14.91
CA LEU A 38 12.45 -8.81 15.99
C LEU A 38 11.32 -9.61 16.66
N GLY A 39 10.06 -9.31 16.32
CA GLY A 39 8.91 -9.96 16.94
C GLY A 39 8.66 -9.61 18.40
N LEU A 40 9.07 -8.42 18.83
CA LEU A 40 8.90 -7.96 20.23
C LEU A 40 7.45 -7.67 20.60
N LEU A 41 6.64 -7.28 19.61
CA LEU A 41 5.19 -7.08 19.79
C LEU A 41 4.51 -8.44 20.05
N PRO A 42 3.51 -8.49 20.96
CA PRO A 42 2.75 -9.75 21.13
C PRO A 42 1.92 -10.12 19.90
N ARG A 43 1.69 -11.42 19.72
CA ARG A 43 0.92 -11.94 18.57
C ARG A 43 -0.53 -11.47 18.65
N ALA A 44 -1.09 -11.14 17.48
CA ALA A 44 -2.47 -10.66 17.36
C ALA A 44 -3.47 -11.76 17.76
N ARG A 45 -4.30 -11.47 18.76
CA ARG A 45 -5.28 -12.41 19.33
C ARG A 45 -6.45 -12.75 18.39
N PHE A 46 -6.80 -11.81 17.50
CA PHE A 46 -7.93 -11.96 16.55
C PHE A 46 -7.69 -13.08 15.52
N GLN A 47 -8.48 -14.17 15.63
CA GLN A 47 -8.57 -15.18 14.57
C GLN A 47 -9.49 -14.64 13.47
N ASP A 48 -9.01 -14.65 12.22
CA ASP A 48 -9.79 -14.18 11.08
C ASP A 48 -10.90 -15.17 10.75
N SER A 49 -12.14 -14.69 10.66
CA SER A 49 -13.25 -15.52 10.19
C SER A 49 -13.14 -15.78 8.69
N ASP A 50 -13.83 -16.85 8.25
CA ASP A 50 -13.96 -17.22 6.84
C ASP A 50 -14.56 -16.14 5.94
N MET A 51 -15.48 -15.33 6.49
CA MET A 51 -16.06 -14.19 5.77
C MET A 51 -15.13 -13.04 5.40
N LEU A 52 -13.95 -12.97 6.03
CA LEU A 52 -12.89 -12.04 5.65
C LEU A 52 -12.00 -12.52 4.51
N GLU A 53 -12.11 -13.79 4.13
CA GLU A 53 -11.29 -14.37 3.07
C GLU A 53 -11.67 -13.80 1.70
N VAL A 54 -10.66 -13.47 0.91
CA VAL A 54 -10.82 -12.98 -0.48
C VAL A 54 -9.89 -13.78 -1.41
N ARG A 55 -10.37 -14.07 -2.60
CA ARG A 55 -9.60 -14.76 -3.65
C ARG A 55 -9.47 -13.80 -4.80
N VAL A 56 -8.25 -13.35 -5.07
CA VAL A 56 -7.99 -12.34 -6.09
C VAL A 56 -6.52 -12.40 -6.50
N LEU A 57 -6.20 -11.94 -7.72
CA LEU A 57 -4.80 -11.85 -8.20
C LEU A 57 -4.07 -13.23 -8.23
N GLY A 58 -4.85 -14.30 -8.44
CA GLY A 58 -4.34 -15.68 -8.37
C GLY A 58 -3.92 -16.18 -6.98
N HIS A 59 -4.48 -15.58 -5.92
CA HIS A 59 -4.10 -15.90 -4.54
C HIS A 59 -5.30 -15.81 -3.57
N LYS A 60 -5.26 -16.65 -2.54
CA LYS A 60 -6.11 -16.52 -1.36
C LYS A 60 -5.52 -15.44 -0.44
N PHE A 61 -6.38 -14.56 0.09
CA PHE A 61 -6.04 -13.57 1.12
C PHE A 61 -6.93 -13.89 2.32
N ARG A 62 -6.30 -14.32 3.42
CA ARG A 62 -6.97 -14.72 4.66
C ARG A 62 -7.86 -13.59 5.25
N ASN A 63 -7.36 -12.35 5.17
CA ASN A 63 -8.15 -11.13 5.45
C ASN A 63 -7.78 -10.07 4.40
N PRO A 64 -8.64 -9.05 4.19
CA PRO A 64 -8.39 -8.06 3.14
C PRO A 64 -7.60 -6.81 3.54
N VAL A 65 -6.94 -6.83 4.70
CA VAL A 65 -6.31 -5.66 5.31
C VAL A 65 -4.80 -5.88 5.29
N GLY A 66 -4.13 -5.12 4.41
CA GLY A 66 -2.67 -5.18 4.25
C GLY A 66 -1.95 -3.94 4.76
N ILE A 67 -0.64 -4.06 4.91
CA ILE A 67 0.25 -2.92 5.22
C ILE A 67 0.69 -2.32 3.88
N ALA A 68 0.43 -1.02 3.73
CA ALA A 68 0.78 -0.29 2.52
C ALA A 68 2.29 -0.14 2.37
N ALA A 69 2.73 0.13 1.14
CA ALA A 69 4.16 0.38 0.90
C ALA A 69 4.61 1.61 1.69
N GLY A 70 5.89 1.60 2.04
CA GLY A 70 6.49 2.71 2.80
C GLY A 70 6.84 2.41 4.22
N PHE A 71 6.05 1.57 4.89
CA PHE A 71 6.39 1.18 6.26
C PHE A 71 7.65 0.34 6.27
N ASP A 72 7.62 -0.74 5.48
CA ASP A 72 8.76 -1.63 5.34
C ASP A 72 9.31 -1.52 3.90
N LYS A 73 10.04 -0.43 3.69
CA LYS A 73 10.71 -0.15 2.42
C LYS A 73 11.70 -1.20 1.95
N HIS A 74 12.38 -1.88 2.88
CA HIS A 74 13.55 -2.72 2.56
C HIS A 74 13.38 -4.24 2.78
N GLY A 75 12.16 -4.71 3.09
CA GLY A 75 11.92 -6.14 3.36
C GLY A 75 12.47 -6.68 4.67
N GLU A 76 12.52 -5.85 5.69
CA GLU A 76 13.13 -6.17 7.00
C GLU A 76 12.18 -6.75 8.07
N ALA A 77 10.89 -6.48 7.95
CA ALA A 77 9.87 -6.72 9.00
C ALA A 77 8.66 -7.52 8.51
N VAL A 78 8.82 -8.26 7.42
CA VAL A 78 7.69 -8.94 6.74
C VAL A 78 6.96 -9.91 7.68
N ASP A 79 7.71 -10.75 8.38
CA ASP A 79 7.13 -11.77 9.28
C ASP A 79 6.46 -11.18 10.53
N GLY A 80 7.05 -10.12 11.08
CA GLY A 80 6.46 -9.35 12.16
C GLY A 80 5.18 -8.65 11.77
N LEU A 81 5.12 -8.17 10.55
CA LEU A 81 3.89 -7.61 9.96
C LEU A 81 2.74 -8.64 9.80
N TYR A 82 3.05 -9.89 9.43
CA TYR A 82 2.02 -10.96 9.44
C TYR A 82 1.57 -11.30 10.88
N LYS A 83 2.52 -11.30 11.81
CA LYS A 83 2.24 -11.51 13.25
C LYS A 83 1.27 -10.47 13.84
N MET A 84 1.38 -9.24 13.37
CA MET A 84 0.41 -8.17 13.65
C MET A 84 -1.02 -8.37 13.12
N GLY A 85 -1.23 -9.31 12.20
CA GLY A 85 -2.55 -9.70 11.71
C GLY A 85 -2.91 -9.17 10.35
N PHE A 86 -1.97 -8.51 9.67
CA PHE A 86 -2.14 -8.14 8.26
C PHE A 86 -2.32 -9.37 7.38
N GLY A 87 -3.30 -9.33 6.49
CA GLY A 87 -3.58 -10.41 5.56
C GLY A 87 -2.61 -10.50 4.38
N PHE A 88 -1.87 -9.41 4.14
CA PHE A 88 -0.82 -9.38 3.14
C PHE A 88 0.11 -8.22 3.42
N VAL A 89 1.34 -8.31 2.91
CA VAL A 89 2.41 -7.37 3.18
C VAL A 89 2.91 -6.90 1.83
N GLU A 90 3.00 -5.58 1.68
CA GLU A 90 3.64 -4.94 0.54
C GLU A 90 4.90 -4.25 1.04
N ILE A 91 6.05 -4.67 0.54
CA ILE A 91 7.31 -4.01 0.85
C ILE A 91 7.66 -3.02 -0.25
N GLY A 92 8.55 -2.07 0.07
CA GLY A 92 9.04 -1.09 -0.90
C GLY A 92 8.54 0.33 -0.62
N SER A 93 8.78 1.29 -1.52
CA SER A 93 9.31 1.10 -2.85
C SER A 93 10.81 0.78 -2.83
N VAL A 94 11.24 -0.09 -3.73
CA VAL A 94 12.66 -0.49 -3.87
C VAL A 94 13.11 0.06 -5.21
N THR A 95 14.28 0.72 -5.22
CA THR A 95 14.91 1.29 -6.40
C THR A 95 16.04 0.33 -6.85
N PRO A 96 16.51 0.40 -8.13
CA PRO A 96 17.55 -0.58 -8.54
C PRO A 96 18.87 -0.50 -7.79
N LYS A 97 19.41 0.71 -7.70
CA LYS A 97 20.61 1.00 -6.94
C LYS A 97 20.21 1.49 -5.54
N PRO A 98 21.10 1.31 -4.55
CA PRO A 98 20.87 2.00 -3.27
C PRO A 98 20.85 3.53 -3.43
N GLN A 99 19.99 4.21 -2.69
CA GLN A 99 20.03 5.67 -2.62
C GLN A 99 19.47 6.16 -1.29
N GLU A 100 19.95 7.31 -0.85
CA GLU A 100 19.71 7.85 0.50
C GLU A 100 18.35 8.51 0.70
N GLY A 101 17.74 8.98 -0.39
CA GLY A 101 16.55 9.82 -0.32
C GLY A 101 16.88 11.28 -0.01
N ASN A 102 15.83 12.07 0.22
CA ASN A 102 15.97 13.51 0.45
C ASN A 102 16.61 13.82 1.80
N PRO A 103 17.15 15.03 1.96
CA PRO A 103 17.69 15.43 3.28
C PRO A 103 16.63 15.43 4.37
N ARG A 104 17.07 15.20 5.61
CA ARG A 104 16.20 15.35 6.78
C ARG A 104 16.01 16.84 7.14
N PRO A 105 14.91 17.22 7.82
CA PRO A 105 13.76 16.37 8.12
C PRO A 105 12.92 16.13 6.86
N ARG A 106 12.28 14.97 6.83
CA ARG A 106 11.49 14.53 5.67
C ARG A 106 10.18 13.78 5.98
N VAL A 107 9.82 13.67 7.27
CA VAL A 107 8.53 13.15 7.71
C VAL A 107 7.98 14.07 8.79
N PHE A 108 6.69 14.31 8.76
CA PHE A 108 6.01 15.30 9.59
C PHE A 108 4.64 14.77 10.02
N ARG A 109 4.37 14.83 11.32
CA ARG A 109 3.06 14.54 11.88
C ARG A 109 2.17 15.79 11.91
N LEU A 110 0.89 15.57 11.60
CA LEU A 110 -0.16 16.57 11.71
C LEU A 110 -1.19 15.89 12.60
N PRO A 111 -0.94 15.86 13.94
CA PRO A 111 -1.87 15.12 14.84
C PRO A 111 -3.30 15.65 14.91
N GLU A 112 -3.49 16.96 14.71
CA GLU A 112 -4.81 17.57 14.65
C GLU A 112 -5.67 17.10 13.44
N ASP A 113 -5.00 16.59 12.41
CA ASP A 113 -5.65 16.06 11.20
C ASP A 113 -5.64 14.57 11.07
N GLN A 114 -5.03 13.85 12.03
CA GLN A 114 -4.67 12.44 11.89
C GLN A 114 -4.05 12.17 10.51
N ALA A 115 -3.03 12.97 10.20
CA ALA A 115 -2.34 12.98 8.92
C ALA A 115 -0.83 13.01 9.10
N VAL A 116 -0.16 12.54 8.06
CA VAL A 116 1.29 12.60 7.93
C VAL A 116 1.55 13.29 6.58
N ILE A 117 2.63 14.06 6.55
CA ILE A 117 3.26 14.51 5.33
C ILE A 117 4.65 13.87 5.27
N ASN A 118 5.00 13.26 4.14
CA ASN A 118 6.37 12.78 3.93
C ASN A 118 6.96 13.19 2.57
N ARG A 119 8.28 13.41 2.58
CA ARG A 119 9.09 13.62 1.38
C ARG A 119 10.37 12.78 1.46
N TYR A 120 10.22 11.48 1.66
CA TYR A 120 11.39 10.57 1.74
C TYR A 120 12.26 10.56 0.48
N GLY A 121 11.63 10.53 -0.69
CA GLY A 121 12.31 10.50 -1.99
C GLY A 121 12.96 9.16 -2.32
N PHE A 122 12.26 8.07 -2.05
CA PHE A 122 12.71 6.70 -2.35
C PHE A 122 14.07 6.40 -1.73
N ASN A 123 14.16 6.53 -0.40
CA ASN A 123 15.28 5.95 0.35
C ASN A 123 15.18 4.43 0.22
N SER A 124 16.23 3.79 -0.23
CA SER A 124 16.16 2.38 -0.55
C SER A 124 17.53 1.75 -0.45
N HIS A 125 17.56 0.56 0.14
CA HIS A 125 18.73 -0.31 0.18
C HIS A 125 19.07 -0.92 -1.18
N GLY A 126 18.13 -0.86 -2.12
CA GLY A 126 18.35 -1.28 -3.49
C GLY A 126 17.89 -2.70 -3.72
N LEU A 127 17.80 -3.08 -4.99
CA LEU A 127 17.33 -4.40 -5.38
C LEU A 127 18.15 -5.57 -4.80
N SER A 128 19.47 -5.48 -4.91
N SER A 128 19.47 -5.49 -4.92
CA SER A 128 20.37 -6.58 -4.52
CA SER A 128 20.39 -6.58 -4.51
C SER A 128 20.25 -6.95 -3.03
C SER A 128 20.25 -6.95 -3.03
N VAL A 129 20.30 -5.93 -2.18
CA VAL A 129 20.09 -6.12 -0.71
C VAL A 129 18.70 -6.71 -0.40
N VAL A 130 17.66 -6.15 -1.01
CA VAL A 130 16.30 -6.65 -0.80
C VAL A 130 16.15 -8.10 -1.32
N GLU A 131 16.70 -8.37 -2.50
CA GLU A 131 16.74 -9.73 -3.10
C GLU A 131 17.26 -10.77 -2.14
N HIS A 132 18.45 -10.52 -1.60
CA HIS A 132 19.10 -11.46 -0.69
C HIS A 132 18.34 -11.67 0.62
N ARG A 133 17.70 -10.61 1.08
CA ARG A 133 16.84 -10.64 2.26
C ARG A 133 15.56 -11.48 2.04
N LEU A 134 14.92 -11.34 0.87
CA LEU A 134 13.77 -12.16 0.54
C LEU A 134 14.14 -13.60 0.28
N ARG A 135 15.31 -13.83 -0.32
CA ARG A 135 15.83 -15.18 -0.55
C ARG A 135 16.07 -15.99 0.71
N ALA A 136 16.52 -15.32 1.76
CA ALA A 136 16.76 -15.94 3.07
C ALA A 136 15.52 -16.53 3.77
N ARG A 137 14.33 -16.02 3.43
CA ARG A 137 13.05 -16.45 4.02
C ARG A 137 12.04 -16.90 2.94
N GLN A 138 12.56 -17.34 1.80
CA GLN A 138 11.78 -17.52 0.58
C GLN A 138 10.76 -18.66 0.70
N GLN A 139 11.22 -19.80 1.23
CA GLN A 139 10.37 -20.95 1.47
C GLN A 139 9.39 -20.74 2.61
N LYS A 140 9.78 -19.98 3.63
CA LYS A 140 8.82 -19.51 4.64
C LYS A 140 7.69 -18.71 3.99
N GLN A 141 8.03 -17.80 3.08
CA GLN A 141 7.02 -17.05 2.33
C GLN A 141 6.13 -17.90 1.44
N ALA A 142 6.68 -18.92 0.79
CA ALA A 142 5.88 -19.84 -0.05
C ALA A 142 4.81 -20.56 0.77
N LYS A 143 5.16 -20.94 2.00
CA LYS A 143 4.20 -21.50 2.96
C LYS A 143 3.14 -20.50 3.44
N LEU A 144 3.58 -19.28 3.73
CA LEU A 144 2.68 -18.17 4.13
C LEU A 144 1.65 -17.85 3.04
N THR A 145 2.12 -17.72 1.80
CA THR A 145 1.28 -17.52 0.61
C THR A 145 0.25 -18.63 0.41
N GLU A 146 0.70 -19.89 0.47
CA GLU A 146 -0.19 -21.05 0.42
C GLU A 146 -1.27 -21.06 1.54
N ASP A 147 -0.87 -20.61 2.75
CA ASP A 147 -1.77 -20.38 3.89
C ASP A 147 -2.65 -19.11 3.82
N GLY A 148 -2.57 -18.33 2.74
CA GLY A 148 -3.37 -17.13 2.54
C GLY A 148 -2.75 -15.82 2.98
N LEU A 149 -1.42 -15.73 2.97
CA LEU A 149 -0.67 -14.54 3.44
C LEU A 149 0.37 -14.08 2.40
N PRO A 150 -0.10 -13.49 1.27
CA PRO A 150 0.81 -13.12 0.17
C PRO A 150 1.69 -11.88 0.39
N LEU A 151 2.68 -11.75 -0.49
CA LEU A 151 3.71 -10.75 -0.42
C LEU A 151 3.68 -9.95 -1.71
N GLY A 152 3.62 -8.63 -1.59
CA GLY A 152 3.77 -7.72 -2.68
C GLY A 152 5.09 -7.01 -2.56
N VAL A 153 5.61 -6.61 -3.73
CA VAL A 153 6.86 -5.88 -3.84
C VAL A 153 6.57 -4.68 -4.72
N ASN A 154 6.86 -3.51 -4.17
CA ASN A 154 6.59 -2.24 -4.81
C ASN A 154 7.92 -1.70 -5.38
N LEU A 155 7.93 -1.45 -6.70
CA LEU A 155 9.12 -1.04 -7.44
C LEU A 155 9.09 0.43 -7.73
N GLY A 156 10.23 1.08 -7.53
CA GLY A 156 10.46 2.47 -7.84
C GLY A 156 11.64 2.68 -8.77
N LYS A 157 11.95 3.95 -8.96
CA LYS A 157 12.89 4.45 -9.93
C LYS A 157 13.95 5.24 -9.16
N ASN A 158 15.22 5.04 -9.51
CA ASN A 158 16.32 5.86 -9.01
C ASN A 158 16.21 7.32 -9.48
N LYS A 159 16.66 8.23 -8.62
CA LYS A 159 16.60 9.69 -8.86
C LYS A 159 17.34 10.14 -10.13
N THR A 160 18.56 9.64 -10.30
CA THR A 160 19.43 9.98 -11.41
C THR A 160 19.31 9.08 -12.67
N SER A 161 18.35 8.14 -12.70
CA SER A 161 18.23 7.23 -13.86
C SER A 161 17.66 7.98 -15.08
N VAL A 162 18.22 7.66 -16.25
CA VAL A 162 17.75 8.24 -17.53
C VAL A 162 16.50 7.53 -18.09
N ASP A 163 16.54 6.20 -18.13
CA ASP A 163 15.47 5.36 -18.67
C ASP A 163 14.66 4.75 -17.52
N ALA A 164 13.51 5.38 -17.22
CA ALA A 164 12.62 4.94 -16.14
C ALA A 164 12.13 3.49 -16.29
N ALA A 165 11.72 3.14 -17.51
CA ALA A 165 11.23 1.80 -17.84
C ALA A 165 12.26 0.71 -17.56
N GLU A 166 13.53 1.01 -17.78
CA GLU A 166 14.62 0.10 -17.49
C GLU A 166 14.83 -0.12 -15.99
N ASP A 167 14.70 0.94 -15.18
CA ASP A 167 14.66 0.79 -13.70
C ASP A 167 13.56 -0.20 -13.28
N TYR A 168 12.36 -0.03 -13.82
CA TYR A 168 11.22 -0.92 -13.50
C TYR A 168 11.44 -2.36 -14.02
N ALA A 169 11.97 -2.46 -15.23
CA ALA A 169 12.32 -3.73 -15.86
C ALA A 169 13.30 -4.53 -14.98
N GLU A 170 14.38 -3.87 -14.53
CA GLU A 170 15.35 -4.43 -13.58
C GLU A 170 14.68 -4.97 -12.33
N GLY A 171 13.76 -4.17 -11.75
CA GLY A 171 12.94 -4.55 -10.60
C GLY A 171 12.10 -5.80 -10.78
N VAL A 172 11.52 -5.95 -11.98
CA VAL A 172 10.72 -7.15 -12.35
C VAL A 172 11.62 -8.39 -12.40
N ARG A 173 12.77 -8.28 -13.05
CA ARG A 173 13.72 -9.40 -13.18
C ARG A 173 14.33 -9.88 -11.86
N VAL A 174 14.63 -8.93 -10.97
CA VAL A 174 15.30 -9.21 -9.70
C VAL A 174 14.31 -9.67 -8.61
N LEU A 175 13.24 -8.91 -8.40
CA LEU A 175 12.27 -9.19 -7.33
C LEU A 175 10.92 -9.81 -7.74
N GLY A 176 10.59 -9.77 -9.03
CA GLY A 176 9.44 -10.54 -9.57
C GLY A 176 9.38 -12.01 -9.18
N PRO A 177 10.53 -12.72 -9.24
CA PRO A 177 10.54 -14.12 -8.79
C PRO A 177 10.26 -14.39 -7.30
N LEU A 178 10.40 -13.37 -6.46
CA LEU A 178 10.22 -13.46 -5.01
C LEU A 178 8.92 -12.85 -4.54
N ALA A 179 8.04 -12.44 -5.47
CA ALA A 179 6.81 -11.72 -5.17
C ALA A 179 5.57 -12.46 -5.67
N ASP A 180 4.46 -12.32 -4.95
CA ASP A 180 3.14 -12.74 -5.43
C ASP A 180 2.54 -11.69 -6.34
N TYR A 181 2.79 -10.42 -6.02
CA TYR A 181 2.47 -9.34 -6.92
C TYR A 181 3.52 -8.25 -6.92
N LEU A 182 3.69 -7.61 -8.09
CA LEU A 182 4.59 -6.47 -8.28
C LEU A 182 3.76 -5.20 -8.43
N VAL A 183 4.25 -4.09 -7.90
CA VAL A 183 3.60 -2.78 -8.03
C VAL A 183 4.52 -1.84 -8.79
N VAL A 184 4.02 -1.30 -9.89
CA VAL A 184 4.69 -0.25 -10.63
C VAL A 184 4.17 1.05 -10.02
N ASN A 185 5.02 1.65 -9.19
CA ASN A 185 4.74 2.90 -8.56
C ASN A 185 5.16 4.05 -9.46
N VAL A 186 4.17 4.64 -10.11
CA VAL A 186 4.34 5.85 -10.92
C VAL A 186 3.63 7.06 -10.28
N SER A 187 3.41 7.01 -8.95
CA SER A 187 2.56 7.97 -8.23
C SER A 187 3.22 8.64 -7.01
N SER A 188 4.51 8.37 -6.73
CA SER A 188 5.23 9.11 -5.70
C SER A 188 5.28 10.62 -6.04
N PRO A 189 4.83 11.48 -5.10
CA PRO A 189 4.99 12.93 -5.32
C PRO A 189 6.39 13.51 -5.05
N ASN A 190 7.39 12.68 -4.71
CA ASN A 190 8.70 13.08 -4.20
C ASN A 190 9.92 12.67 -5.04
N THR A 191 9.68 12.27 -6.28
CA THR A 191 10.73 12.06 -7.29
C THR A 191 10.30 12.87 -8.50
N ALA A 192 11.18 13.75 -8.97
CA ALA A 192 10.87 14.68 -10.07
C ALA A 192 10.50 13.96 -11.37
N GLY A 193 9.36 14.33 -11.95
CA GLY A 193 8.88 13.76 -13.21
C GLY A 193 8.27 12.36 -13.21
N LEU A 194 8.10 11.75 -12.02
CA LEU A 194 7.64 10.36 -11.91
C LEU A 194 6.17 10.23 -12.26
N ARG A 195 5.36 11.15 -11.74
CA ARG A 195 3.92 11.19 -12.01
C ARG A 195 3.54 11.45 -13.47
N SER A 196 4.44 12.07 -14.24
CA SER A 196 4.36 12.13 -15.72
C SER A 196 4.22 10.76 -16.41
N LEU A 197 4.78 9.71 -15.80
CA LEU A 197 4.61 8.31 -16.25
C LEU A 197 3.17 7.77 -16.20
N GLN A 198 2.26 8.40 -15.45
CA GLN A 198 0.81 8.10 -15.51
C GLN A 198 0.08 8.56 -16.78
N GLY A 199 0.66 9.50 -17.53
CA GLY A 199 0.15 9.90 -18.84
C GLY A 199 0.11 8.75 -19.83
N LYS A 200 -0.87 8.78 -20.75
CA LYS A 200 -1.25 7.62 -21.59
C LYS A 200 -0.10 6.92 -22.34
N ALA A 201 0.64 7.68 -23.14
CA ALA A 201 1.72 7.15 -24.02
C ALA A 201 2.97 6.68 -23.24
N GLU A 202 3.40 7.50 -22.28
CA GLU A 202 4.45 7.12 -21.31
C GLU A 202 4.08 5.85 -20.55
N LEU A 203 2.84 5.81 -20.05
CA LEU A 203 2.31 4.64 -19.33
C LEU A 203 2.22 3.38 -20.19
N ARG A 204 1.70 3.51 -21.42
CA ARG A 204 1.58 2.37 -22.34
C ARG A 204 2.96 1.74 -22.66
N ARG A 205 3.95 2.58 -22.96
CA ARG A 205 5.33 2.16 -23.23
C ARG A 205 5.97 1.52 -21.99
N LEU A 206 5.78 2.13 -20.83
CA LEU A 206 6.32 1.62 -19.57
C LEU A 206 5.76 0.22 -19.26
N LEU A 207 4.44 0.11 -19.27
CA LEU A 207 3.78 -1.13 -18.88
C LEU A 207 3.91 -2.26 -19.92
N THR A 208 4.02 -1.92 -21.20
CA THR A 208 4.34 -2.90 -22.24
C THR A 208 5.68 -3.60 -21.90
N LYS A 209 6.71 -2.79 -21.62
CA LYS A 209 8.01 -3.28 -21.22
C LYS A 209 7.97 -4.11 -19.91
N VAL A 210 7.25 -3.63 -18.89
CA VAL A 210 7.08 -4.36 -17.62
C VAL A 210 6.44 -5.75 -17.79
N LEU A 211 5.31 -5.80 -18.49
CA LEU A 211 4.54 -7.05 -18.70
C LEU A 211 5.34 -8.08 -19.51
N GLN A 212 6.11 -7.57 -20.46
CA GLN A 212 7.02 -8.36 -21.26
C GLN A 212 8.13 -9.01 -20.44
N GLU A 213 8.76 -8.22 -19.56
CA GLU A 213 9.75 -8.73 -18.60
C GLU A 213 9.16 -9.76 -17.65
N ARG A 214 7.98 -9.45 -17.11
CA ARG A 214 7.20 -10.36 -16.29
C ARG A 214 6.83 -11.67 -16.97
N ASP A 215 6.30 -11.58 -18.20
CA ASP A 215 5.94 -12.80 -18.98
C ASP A 215 7.14 -13.70 -19.31
N GLY A 216 8.34 -13.12 -19.36
CA GLY A 216 9.59 -13.85 -19.50
C GLY A 216 10.05 -14.66 -18.28
N LEU A 217 9.45 -14.41 -17.11
CA LEU A 217 9.73 -15.24 -15.93
C LEU A 217 9.03 -16.61 -16.04
N ARG A 218 9.67 -17.62 -15.46
CA ARG A 218 9.09 -18.99 -15.34
C ARG A 218 7.75 -18.95 -14.55
N ARG A 219 6.83 -19.83 -14.94
CA ARG A 219 5.39 -19.74 -14.57
C ARG A 219 5.13 -19.71 -13.09
N VAL A 220 5.82 -20.59 -12.36
CA VAL A 220 5.73 -20.63 -10.87
C VAL A 220 6.30 -19.37 -10.17
N HIS A 221 7.20 -18.65 -10.83
CA HIS A 221 7.82 -17.40 -10.34
C HIS A 221 7.31 -16.12 -11.01
N ARG A 222 6.08 -16.19 -11.53
CA ARG A 222 5.49 -15.15 -12.32
C ARG A 222 4.41 -14.40 -11.51
N PRO A 223 4.68 -13.12 -11.10
CA PRO A 223 3.74 -12.36 -10.28
C PRO A 223 2.68 -11.63 -11.10
N ALA A 224 1.57 -11.28 -10.43
CA ALA A 224 0.64 -10.28 -10.93
C ALA A 224 1.34 -8.89 -10.96
N VAL A 225 1.00 -8.06 -11.95
CA VAL A 225 1.52 -6.69 -12.04
C VAL A 225 0.35 -5.73 -11.81
N LEU A 226 0.52 -4.87 -10.80
CA LEU A 226 -0.42 -3.78 -10.47
C LEU A 226 0.26 -2.42 -10.70
N VAL A 227 -0.54 -1.40 -10.99
CA VAL A 227 -0.09 0.00 -11.15
C VAL A 227 -0.66 0.79 -9.96
N LYS A 228 0.20 1.53 -9.28
CA LYS A 228 -0.21 2.39 -8.16
C LYS A 228 -0.30 3.83 -8.64
N ILE A 229 -1.49 4.42 -8.45
CA ILE A 229 -1.81 5.74 -8.99
C ILE A 229 -2.03 6.80 -7.92
N ALA A 230 -1.91 8.05 -8.35
CA ALA A 230 -2.08 9.20 -7.51
C ALA A 230 -3.58 9.48 -7.26
N PRO A 231 -3.90 10.17 -6.14
CA PRO A 231 -5.25 10.71 -5.93
C PRO A 231 -5.51 12.08 -6.62
N ASP A 232 -4.52 12.63 -7.33
CA ASP A 232 -4.57 14.00 -7.87
C ASP A 232 -4.74 14.07 -9.39
N LEU A 233 -5.30 13.01 -9.96
CA LEU A 233 -5.38 12.85 -11.42
C LEU A 233 -6.57 13.60 -11.94
N THR A 234 -6.43 14.20 -13.11
CA THR A 234 -7.57 14.75 -13.84
C THR A 234 -8.50 13.59 -14.30
N SER A 235 -9.74 13.91 -14.65
CA SER A 235 -10.62 12.96 -15.32
C SER A 235 -10.00 12.31 -16.59
N GLN A 236 -9.36 13.12 -17.42
CA GLN A 236 -8.60 12.67 -18.60
C GLN A 236 -7.54 11.62 -18.28
N ASP A 237 -6.77 11.85 -17.20
CA ASP A 237 -5.71 10.92 -16.76
C ASP A 237 -6.29 9.57 -16.36
N LYS A 238 -7.35 9.63 -15.55
CA LYS A 238 -8.01 8.43 -15.06
C LYS A 238 -8.61 7.55 -16.19
N GLU A 239 -9.35 8.20 -17.10
N GLU A 239 -9.36 8.19 -17.09
CA GLU A 239 -9.88 7.55 -18.30
CA GLU A 239 -9.89 7.54 -18.30
C GLU A 239 -8.78 6.92 -19.18
C GLU A 239 -8.79 6.93 -19.18
N ASP A 240 -7.66 7.62 -19.31
CA ASP A 240 -6.48 7.12 -20.03
C ASP A 240 -5.83 5.91 -19.35
N ILE A 241 -5.67 5.95 -18.04
CA ILE A 241 -5.13 4.83 -17.27
C ILE A 241 -6.01 3.59 -17.41
N ALA A 242 -7.31 3.77 -17.23
CA ALA A 242 -8.30 2.68 -17.41
C ALA A 242 -8.20 2.00 -18.76
N SER A 243 -8.06 2.80 -19.80
CA SER A 243 -7.89 2.35 -21.18
C SER A 243 -6.61 1.52 -21.35
N VAL A 244 -5.47 2.05 -20.90
CA VAL A 244 -4.17 1.38 -20.97
C VAL A 244 -4.17 0.04 -20.21
N VAL A 245 -4.72 0.07 -19.01
CA VAL A 245 -4.89 -1.10 -18.14
C VAL A 245 -5.68 -2.24 -18.82
N LYS A 246 -6.80 -1.90 -19.46
CA LYS A 246 -7.61 -2.91 -20.17
C LYS A 246 -7.03 -3.38 -21.51
N GLU A 247 -6.35 -2.48 -22.22
CA GLU A 247 -5.65 -2.79 -23.47
C GLU A 247 -4.52 -3.83 -23.24
N LEU A 248 -3.65 -3.56 -22.26
CA LEU A 248 -2.48 -4.40 -21.93
C LEU A 248 -2.73 -5.60 -20.99
N GLY A 249 -3.87 -5.64 -20.32
CA GLY A 249 -4.17 -6.72 -19.40
C GLY A 249 -3.41 -6.60 -18.09
N ILE A 250 -3.31 -5.37 -17.57
CA ILE A 250 -2.76 -5.13 -16.24
C ILE A 250 -3.66 -5.87 -15.24
N ASP A 251 -3.02 -6.52 -14.27
CA ASP A 251 -3.71 -7.38 -13.31
C ASP A 251 -4.49 -6.62 -12.23
N GLY A 252 -4.06 -5.41 -11.91
CA GLY A 252 -4.81 -4.57 -10.97
C GLY A 252 -4.29 -3.16 -10.78
N LEU A 253 -4.95 -2.45 -9.88
CA LEU A 253 -4.67 -1.09 -9.54
C LEU A 253 -4.56 -0.96 -8.02
N ILE A 254 -3.63 -0.13 -7.55
CA ILE A 254 -3.52 0.27 -6.15
C ILE A 254 -3.95 1.74 -6.14
N VAL A 255 -5.04 2.04 -5.42
CA VAL A 255 -5.71 3.33 -5.48
C VAL A 255 -5.86 3.78 -4.00
N THR A 256 -5.05 4.69 -3.42
CA THR A 256 -4.13 5.64 -4.06
C THR A 256 -2.87 5.85 -3.25
N ASN A 257 -1.93 6.53 -3.90
CA ASN A 257 -0.77 7.08 -3.22
C ASN A 257 -1.18 8.33 -2.38
N THR A 258 -0.19 9.00 -1.80
CA THR A 258 -0.41 10.24 -1.07
C THR A 258 -0.79 11.37 -2.01
N THR A 259 -1.41 12.41 -1.45
CA THR A 259 -1.89 13.58 -2.21
C THR A 259 -0.90 14.76 -2.07
N VAL A 260 -0.67 15.47 -3.18
CA VAL A 260 0.05 16.75 -3.19
C VAL A 260 -0.88 17.93 -2.89
N SER A 261 -2.19 17.68 -2.84
CA SER A 261 -3.15 18.67 -2.39
C SER A 261 -3.03 18.94 -0.88
N ARG A 262 -3.56 20.08 -0.47
CA ARG A 262 -3.72 20.40 0.93
C ARG A 262 -5.17 20.79 1.11
N PRO A 263 -6.03 19.82 1.50
CA PRO A 263 -7.45 20.11 1.62
C PRO A 263 -7.73 21.25 2.55
N ALA A 264 -8.76 22.03 2.21
CA ALA A 264 -9.25 23.10 3.11
C ALA A 264 -9.54 22.44 4.47
N GLY A 265 -9.11 23.09 5.54
CA GLY A 265 -9.41 22.65 6.89
C GLY A 265 -8.30 22.00 7.68
N LEU A 266 -7.17 21.63 7.04
CA LEU A 266 -5.98 21.15 7.77
C LEU A 266 -5.57 22.16 8.84
N GLN A 267 -5.33 21.64 10.05
CA GLN A 267 -4.96 22.45 11.25
C GLN A 267 -3.55 22.32 11.70
N GLY A 268 -2.87 21.22 11.34
CA GLY A 268 -1.50 20.97 11.72
C GLY A 268 -0.60 22.12 11.32
N ALA A 269 0.25 22.53 12.26
CA ALA A 269 1.27 23.57 12.03
C ALA A 269 2.14 23.30 10.81
N LEU A 270 2.43 22.02 10.54
CA LEU A 270 3.28 21.58 9.46
C LEU A 270 2.55 21.29 8.13
N ARG A 271 1.33 21.79 7.96
CA ARG A 271 0.51 21.55 6.75
C ARG A 271 1.11 22.06 5.41
N SER A 272 1.97 23.07 5.46
CA SER A 272 2.63 23.62 4.28
C SER A 272 4.00 23.00 3.97
N GLU A 273 4.41 21.98 4.72
CA GLU A 273 5.57 21.15 4.33
C GLU A 273 5.36 20.45 2.97
N THR A 274 6.37 20.53 2.12
CA THR A 274 6.44 19.80 0.86
C THR A 274 6.39 18.30 1.12
N GLY A 275 5.55 17.61 0.36
CA GLY A 275 5.48 16.16 0.36
C GLY A 275 4.10 15.64 0.04
N GLY A 276 3.94 14.35 0.27
CA GLY A 276 2.70 13.65 0.08
C GLY A 276 1.97 13.61 1.40
N LEU A 277 0.69 13.97 1.37
CA LEU A 277 -0.20 13.93 2.53
C LEU A 277 -0.95 12.58 2.56
N SER A 278 -0.97 11.97 3.74
CA SER A 278 -1.64 10.71 4.01
C SER A 278 -2.55 10.87 5.24
N GLY A 279 -3.40 9.88 5.44
CA GLY A 279 -4.26 9.79 6.62
C GLY A 279 -5.66 10.26 6.34
N LYS A 280 -6.32 10.72 7.39
CA LYS A 280 -7.75 11.06 7.32
C LYS A 280 -8.15 12.08 6.23
N PRO A 281 -7.35 13.16 5.99
CA PRO A 281 -7.65 14.09 4.90
C PRO A 281 -7.62 13.54 3.46
N LEU A 282 -6.89 12.43 3.26
CA LEU A 282 -6.83 11.70 2.02
C LEU A 282 -8.01 10.73 1.82
N ARG A 283 -8.73 10.37 2.88
CA ARG A 283 -9.59 9.20 2.87
C ARG A 283 -10.66 9.16 1.76
N ASP A 284 -11.49 10.20 1.72
CA ASP A 284 -12.62 10.25 0.80
C ASP A 284 -12.20 10.55 -0.63
N LEU A 285 -11.18 11.40 -0.77
CA LEU A 285 -10.47 11.56 -2.03
C LEU A 285 -10.00 10.22 -2.64
N SER A 286 -9.43 9.35 -1.80
N SER A 286 -9.43 9.36 -1.80
CA SER A 286 -9.02 8.01 -2.22
CA SER A 286 -9.02 8.01 -2.22
C SER A 286 -10.20 7.08 -2.56
C SER A 286 -10.21 7.10 -2.57
N THR A 287 -11.26 7.12 -1.73
CA THR A 287 -12.46 6.31 -1.95
C THR A 287 -13.20 6.66 -3.28
N GLN A 288 -13.24 7.96 -3.57
CA GLN A 288 -13.82 8.44 -4.81
C GLN A 288 -13.01 8.08 -6.07
N THR A 289 -11.68 8.05 -5.94
CA THR A 289 -10.77 7.56 -6.97
C THR A 289 -10.98 6.05 -7.21
N ILE A 290 -11.15 5.26 -6.16
CA ILE A 290 -11.51 3.83 -6.28
C ILE A 290 -12.85 3.69 -7.02
N ARG A 291 -13.82 4.50 -6.61
CA ARG A 291 -15.15 4.53 -7.24
C ARG A 291 -15.11 4.74 -8.77
N GLU A 292 -14.39 5.78 -9.19
CA GLU A 292 -14.20 6.10 -10.61
C GLU A 292 -13.40 5.05 -11.38
N MET A 293 -12.30 4.56 -10.82
CA MET A 293 -11.47 3.54 -11.50
C MET A 293 -12.19 2.19 -11.69
N TYR A 294 -12.99 1.80 -10.68
CA TYR A 294 -13.85 0.61 -10.75
C TYR A 294 -14.90 0.67 -11.86
N ALA A 295 -15.54 1.84 -11.99
CA ALA A 295 -16.53 2.10 -13.02
C ALA A 295 -15.91 2.14 -14.42
N LEU A 296 -14.81 2.85 -14.58
CA LEU A 296 -14.07 2.90 -15.84
C LEU A 296 -13.49 1.56 -16.30
N THR A 297 -13.13 0.68 -15.36
CA THR A 297 -12.70 -0.70 -15.65
C THR A 297 -13.83 -1.75 -15.61
N GLN A 298 -15.09 -1.31 -15.49
CA GLN A 298 -16.29 -2.18 -15.54
C GLN A 298 -16.29 -3.30 -14.47
N GLY A 299 -15.66 -3.04 -13.32
CA GLY A 299 -15.48 -4.03 -12.27
C GLY A 299 -14.60 -5.25 -12.58
N ARG A 300 -13.78 -5.17 -13.63
CA ARG A 300 -13.00 -6.33 -14.12
C ARG A 300 -11.51 -6.31 -13.75
N VAL A 301 -11.07 -5.24 -13.10
CA VAL A 301 -9.66 -5.03 -12.77
C VAL A 301 -9.63 -4.89 -11.23
N PRO A 302 -9.07 -5.88 -10.50
CA PRO A 302 -8.97 -5.79 -9.04
C PRO A 302 -8.31 -4.51 -8.56
N ILE A 303 -8.93 -3.86 -7.57
CA ILE A 303 -8.40 -2.66 -6.95
C ILE A 303 -8.02 -2.98 -5.51
N ILE A 304 -6.85 -2.50 -5.11
CA ILE A 304 -6.42 -2.42 -3.71
C ILE A 304 -6.65 -0.96 -3.29
N GLY A 305 -7.48 -0.78 -2.26
CA GLY A 305 -7.91 0.54 -1.80
C GLY A 305 -7.06 0.99 -0.64
N VAL A 306 -6.52 2.21 -0.72
CA VAL A 306 -5.60 2.71 0.28
C VAL A 306 -5.68 4.25 0.35
N GLY A 307 -5.64 4.78 1.58
CA GLY A 307 -5.80 6.21 1.85
C GLY A 307 -6.76 6.43 3.02
N GLY A 308 -6.21 6.81 4.16
CA GLY A 308 -6.97 7.13 5.36
C GLY A 308 -7.88 6.05 5.94
N VAL A 309 -7.50 4.78 5.84
N VAL A 309 -7.50 4.78 5.82
CA VAL A 309 -8.21 3.68 6.52
CA VAL A 309 -8.22 3.68 6.49
C VAL A 309 -7.72 3.55 7.95
C VAL A 309 -7.75 3.57 7.94
N SER A 310 -8.62 3.72 8.90
N SER A 310 -8.70 3.71 8.87
CA SER A 310 -8.30 3.57 10.31
CA SER A 310 -8.41 3.72 10.30
C SER A 310 -9.46 2.91 11.06
C SER A 310 -9.47 2.93 11.05
N SER A 311 -10.43 2.37 10.32
N SER A 311 -10.44 2.39 10.33
CA SER A 311 -11.58 1.71 10.92
CA SER A 311 -11.58 1.71 10.92
C SER A 311 -12.25 0.73 9.95
C SER A 311 -12.25 0.73 9.95
N GLY A 312 -13.15 -0.08 10.49
CA GLY A 312 -13.96 -1.04 9.71
C GLY A 312 -14.87 -0.37 8.68
N GLN A 313 -15.55 0.71 9.11
CA GLN A 313 -16.29 1.58 8.20
C GLN A 313 -15.44 2.07 7.03
N ASP A 314 -14.25 2.62 7.31
CA ASP A 314 -13.34 3.12 6.27
C ASP A 314 -12.97 2.07 5.23
N ALA A 315 -12.66 0.86 5.73
CA ALA A 315 -12.38 -0.31 4.90
C ALA A 315 -13.58 -0.71 4.03
N LEU A 316 -14.76 -0.78 4.65
CA LEU A 316 -15.98 -1.20 3.94
C LEU A 316 -16.43 -0.17 2.90
N GLU A 317 -16.20 1.12 3.13
CA GLU A 317 -16.51 2.13 2.13
C GLU A 317 -15.68 1.95 0.84
N LYS A 318 -14.41 1.59 1.01
CA LYS A 318 -13.52 1.33 -0.12
C LYS A 318 -13.90 0.05 -0.82
N ILE A 319 -14.20 -1.00 -0.05
CA ILE A 319 -14.66 -2.29 -0.60
C ILE A 319 -15.90 -2.10 -1.44
N ARG A 320 -16.94 -1.51 -0.84
CA ARG A 320 -18.18 -1.17 -1.53
C ARG A 320 -18.02 -0.22 -2.75
N ALA A 321 -17.05 0.69 -2.66
CA ALA A 321 -16.68 1.57 -3.79
C ALA A 321 -16.01 0.83 -4.96
N GLY A 322 -15.42 -0.34 -4.68
CA GLY A 322 -14.77 -1.18 -5.69
C GLY A 322 -13.52 -1.94 -5.30
N ALA A 323 -12.99 -1.71 -4.09
CA ALA A 323 -11.76 -2.36 -3.66
C ALA A 323 -11.99 -3.82 -3.25
N SER A 324 -11.14 -4.71 -3.76
CA SER A 324 -11.12 -6.12 -3.37
C SER A 324 -10.31 -6.33 -2.10
N LEU A 325 -9.29 -5.51 -1.91
CA LEU A 325 -8.43 -5.51 -0.73
C LEU A 325 -8.20 -4.06 -0.32
N VAL A 326 -7.79 -3.85 0.93
CA VAL A 326 -7.41 -2.54 1.40
C VAL A 326 -6.06 -2.59 2.07
N GLN A 327 -5.42 -1.42 2.14
CA GLN A 327 -4.20 -1.22 2.89
C GLN A 327 -4.31 0.00 3.83
N LEU A 328 -3.44 0.02 4.83
CA LEU A 328 -3.31 1.14 5.73
C LEU A 328 -1.85 1.28 6.09
N TYR A 329 -1.47 2.52 6.41
CA TYR A 329 -0.17 2.81 7.00
C TYR A 329 -0.34 3.88 8.08
N THR A 330 -0.67 5.11 7.68
CA THR A 330 -0.74 6.27 8.61
C THR A 330 -1.49 6.03 9.93
N ALA A 331 -2.60 5.30 9.88
CA ALA A 331 -3.35 4.88 11.07
C ALA A 331 -2.51 4.20 12.14
N LEU A 332 -1.51 3.45 11.69
CA LEU A 332 -0.54 2.78 12.57
C LEU A 332 0.34 3.74 13.39
N THR A 333 0.60 4.92 12.83
CA THR A 333 1.44 5.94 13.45
C THR A 333 0.70 6.68 14.59
N PHE A 334 -0.63 6.68 14.54
CA PHE A 334 -1.49 7.28 15.57
C PHE A 334 -2.11 6.31 16.59
N TRP A 335 -2.59 5.17 16.11
N TRP A 335 -2.62 5.19 16.09
CA TRP A 335 -3.29 4.19 16.94
CA TRP A 335 -3.32 4.16 16.90
C TRP A 335 -2.50 2.93 17.30
C TRP A 335 -2.47 2.96 17.34
N GLY A 336 -1.32 2.75 16.71
CA GLY A 336 -0.47 1.62 17.00
C GLY A 336 -0.98 0.30 16.42
N PRO A 337 -0.29 -0.82 16.70
CA PRO A 337 -0.67 -2.16 16.24
C PRO A 337 -2.13 -2.62 16.47
N PRO A 338 -2.79 -2.18 17.58
CA PRO A 338 -4.18 -2.56 17.76
C PRO A 338 -5.18 -2.12 16.69
N VAL A 339 -4.83 -1.14 15.86
CA VAL A 339 -5.67 -0.75 14.73
C VAL A 339 -5.98 -1.88 13.75
N VAL A 340 -5.04 -2.82 13.58
CA VAL A 340 -5.18 -3.90 12.60
C VAL A 340 -6.36 -4.79 13.01
N GLY A 341 -6.32 -5.31 14.24
CA GLY A 341 -7.41 -6.11 14.80
C GLY A 341 -8.74 -5.39 14.83
N LYS A 342 -8.69 -4.12 15.18
CA LYS A 342 -9.85 -3.24 15.27
C LYS A 342 -10.56 -3.02 13.93
N VAL A 343 -9.79 -2.74 12.87
CA VAL A 343 -10.33 -2.62 11.50
C VAL A 343 -11.06 -3.93 11.05
N LYS A 344 -10.43 -5.08 11.31
CA LYS A 344 -10.96 -6.39 10.90
C LYS A 344 -12.22 -6.81 11.67
N ARG A 345 -12.16 -6.64 12.99
CA ARG A 345 -13.32 -6.88 13.88
C ARG A 345 -14.56 -6.06 13.49
N GLU A 346 -14.35 -4.77 13.25
CA GLU A 346 -15.40 -3.83 12.85
C GLU A 346 -15.92 -4.11 11.43
N LEU A 347 -15.02 -4.42 10.50
CA LEU A 347 -15.39 -4.84 9.14
C LEU A 347 -16.34 -6.04 9.18
N GLU A 348 -15.92 -7.07 9.90
CA GLU A 348 -16.72 -8.29 10.11
C GLU A 348 -18.12 -8.00 10.67
N ALA A 349 -18.21 -7.15 11.70
CA ALA A 349 -19.50 -6.70 12.27
C ALA A 349 -20.37 -5.95 11.25
N LEU A 350 -19.74 -5.05 10.48
CA LEU A 350 -20.45 -4.23 9.49
C LEU A 350 -20.99 -5.04 8.31
N LEU A 351 -20.18 -6.00 7.84
CA LEU A 351 -20.62 -6.97 6.80
C LEU A 351 -21.87 -7.74 7.20
N LYS A 352 -21.89 -8.23 8.45
CA LYS A 352 -23.07 -8.92 9.01
C LYS A 352 -24.29 -8.02 9.08
N GLU A 353 -24.11 -6.82 9.65
CA GLU A 353 -25.17 -5.80 9.75
C GLU A 353 -25.80 -5.39 8.42
N GLN A 354 -25.01 -5.35 7.36
CA GLN A 354 -25.49 -4.95 6.03
C GLN A 354 -25.88 -6.13 5.12
N GLY A 355 -25.92 -7.34 5.67
CA GLY A 355 -26.39 -8.53 4.96
C GLY A 355 -25.47 -9.09 3.90
N PHE A 356 -24.16 -8.97 4.12
CA PHE A 356 -23.16 -9.59 3.25
C PHE A 356 -22.66 -10.88 3.91
N GLY A 357 -22.68 -11.98 3.16
CA GLY A 357 -22.07 -13.24 3.59
C GLY A 357 -20.56 -13.15 3.78
N GLY A 358 -19.92 -12.30 3.00
CA GLY A 358 -18.50 -12.01 3.16
C GLY A 358 -18.06 -10.77 2.43
N VAL A 359 -16.74 -10.54 2.49
CA VAL A 359 -16.05 -9.43 1.84
C VAL A 359 -16.33 -9.43 0.33
N THR A 360 -16.21 -10.62 -0.27
CA THR A 360 -16.42 -10.84 -1.71
C THR A 360 -17.75 -10.29 -2.23
N ASP A 361 -18.81 -10.52 -1.46
CA ASP A 361 -20.17 -10.04 -1.79
C ASP A 361 -20.31 -8.52 -1.69
N ALA A 362 -19.52 -7.90 -0.82
CA ALA A 362 -19.48 -6.45 -0.64
C ALA A 362 -18.73 -5.67 -1.71
N ILE A 363 -17.75 -6.30 -2.38
CA ILE A 363 -16.89 -5.63 -3.40
C ILE A 363 -17.75 -5.01 -4.52
N GLY A 364 -17.60 -3.71 -4.71
CA GLY A 364 -18.39 -2.96 -5.69
C GLY A 364 -19.88 -2.84 -5.46
N ALA A 365 -20.36 -3.14 -4.26
CA ALA A 365 -21.81 -3.19 -3.96
C ALA A 365 -22.55 -1.85 -4.19
N ASP A 366 -21.85 -0.73 -3.96
CA ASP A 366 -22.40 0.62 -4.24
C ASP A 366 -22.74 0.82 -5.72
N HIS A 367 -22.01 0.17 -6.63
CA HIS A 367 -22.27 0.28 -8.07
C HIS A 367 -23.50 -0.50 -8.54
N ARG A 368 -23.99 -1.42 -7.72
CA ARG A 368 -25.19 -2.22 -7.98
C ARG A 368 -26.31 -1.65 -7.14
N1 FMN B . 3.85 4.32 -1.39
C2 FMN B . 4.65 3.68 -2.29
O2 FMN B . 4.14 3.19 -3.31
N3 FMN B . 5.99 3.58 -2.09
C4 FMN B . 6.61 4.10 -1.02
O4 FMN B . 7.83 3.95 -0.90
C4A FMN B . 5.81 4.81 0.02
N5 FMN B . 6.36 5.37 1.12
C5A FMN B . 5.61 6.01 2.06
C6 FMN B . 6.23 6.55 3.19
C7 FMN B . 5.49 7.22 4.18
C7M FMN B . 6.22 7.76 5.39
C8 FMN B . 4.01 7.35 4.02
C8M FMN B . 3.12 8.05 5.02
C9 FMN B . 3.41 6.81 2.89
C9A FMN B . 4.12 6.14 1.89
N10 FMN B . 3.52 5.56 0.70
C10 FMN B . 4.34 4.90 -0.25
C1' FMN B . 2.09 5.66 0.42
C2' FMN B . 1.29 4.63 1.17
O2' FMN B . 1.65 3.34 0.68
C3' FMN B . -0.21 4.88 0.98
O3' FMN B . -0.50 4.85 -0.43
C4' FMN B . -0.71 6.24 1.51
O4' FMN B . 0.01 6.71 2.66
C5' FMN B . -2.17 6.25 1.88
O5' FMN B . -2.45 5.35 2.94
P FMN B . -2.56 5.78 4.49
O1P FMN B . -1.14 6.11 4.88
O2P FMN B . -3.53 6.95 4.51
O3P FMN B . -3.08 4.56 5.19
N1 ORO C . 6.28 8.88 -0.44
C2 ORO C . 5.00 8.69 -0.78
O2 ORO C . 4.11 9.28 -0.13
N3 ORO C . 4.69 7.86 -1.79
C4 ORO C . 5.64 7.22 -2.50
O4 ORO C . 5.34 6.45 -3.43
C5 ORO C . 6.98 7.41 -2.14
C6 ORO C . 7.28 8.26 -1.09
C7 ORO C . 8.70 8.53 -0.72
O71 ORO C . 9.56 7.64 -0.63
O72 ORO C . 9.01 9.72 -0.55
C1 A1AA1 D . 6.28 7.44 10.12
C2 A1AA1 D . 6.02 6.18 10.91
C5 A1AA1 D . 5.34 5.16 13.11
C6 A1AA1 D . 5.01 3.85 12.68
C7 A1AA1 D . 4.68 2.86 13.58
C8 A1AA1 D . 4.65 3.10 14.95
C11 A1AA1 D . 4.26 1.93 15.85
C15 A1AA1 D . 6.97 1.94 18.71
C16 A1AA1 D . 6.75 0.49 19.17
C17 A1AA1 D . 5.24 0.20 19.20
C18 A1AA1 D . 4.61 0.45 17.82
C10 A1AA1 D . 5.27 5.40 14.49
C13 A1AA1 D . 4.89 1.86 17.26
C14 A1AA1 D . 6.41 2.06 17.29
C9 A1AA1 D . 4.93 4.40 15.40
N4 A1AA1 D . 5.66 6.23 12.23
O12 A1AA1 D . 2.84 1.99 15.99
O3 A1AA1 D . 6.18 5.17 10.26
S SO4 E . -5.75 -8.30 18.55
O1 SO4 E . -5.77 -9.16 17.34
O2 SO4 E . -4.72 -8.81 19.48
O3 SO4 E . -7.07 -8.34 19.20
O4 SO4 E . -5.42 -6.91 18.15
S SO4 F . 11.51 -23.38 -10.83
O1 SO4 F . 10.23 -23.86 -11.41
O2 SO4 F . 12.57 -24.39 -11.07
O3 SO4 F . 11.35 -23.15 -9.38
O4 SO4 F . 11.89 -22.12 -11.49
C ACT G . -6.20 17.24 -18.91
O ACT G . -5.49 16.40 -18.31
OXT ACT G . -7.41 17.38 -18.67
CH3 ACT G . -5.57 18.09 -19.98
CL CL H . -10.45 17.37 -14.22
C ACT I . 8.26 -21.73 -17.78
O ACT I . 7.11 -21.28 -17.94
OXT ACT I . 8.56 -22.43 -16.80
CH3 ACT I . 9.28 -21.40 -18.81
C ACT J . -17.62 9.22 -0.90
O ACT J . -17.41 8.08 -1.38
OXT ACT J . -18.70 9.83 -1.03
CH3 ACT J . -16.53 9.88 -0.14
CL CL K . 7.17 16.77 -10.55
C ACT L . 5.72 -16.71 -2.76
O ACT L . 4.61 -17.17 -3.08
OXT ACT L . 6.44 -17.32 -1.96
CH3 ACT L . 6.25 -15.43 -3.34
#